data_8S7E
#
_entry.id   8S7E
#
_cell.length_a   1.00
_cell.length_b   1.00
_cell.length_c   1.00
_cell.angle_alpha   90.00
_cell.angle_beta   90.00
_cell.angle_gamma   90.00
#
_symmetry.space_group_name_H-M   'P 1'
#
loop_
_entity.id
_entity.type
_entity.pdbx_description
1 polymer 'S-phase kinase-associated protein 1'
2 polymer 'F-box only protein 22'
#
loop_
_entity_poly.entity_id
_entity_poly.type
_entity_poly.pdbx_seq_one_letter_code
_entity_poly.pdbx_strand_id
1 'polypeptide(L)'
;PSIKLQSSDGEIFEVDVEIAKQSVTIKTMLEDLGMDDEGDDDPVPLPNVNAAILKKVIQWCTHHKDDPPPPEDDENKEKR
TDDIPVWDQEFLKVDQGTLFELILAANYLDIKGLLDVTCKTVANMIKGKTPEEIRKTFNIKNDFTEEEEAQVRKENQWCE
EK
;
A
2 'polypeptide(L)'
;GGSGSSVDPRSTFVLSNLAEVVERVLTFLPAKALLRVACVCRLWRECVRRVLRTHRSVTWISAGLAEAGHLEGHCLVRVV
AEELENVRILPHTVLYMADSETFISLEECRGHKRARKRTSMETALALEKLFPKQCQVLGIVTPGIVVTPMGSGSNRPQEI
EIGESGFALLFPQIEGIKIQPFHFIKDPKNLTLERHQLTEVGLLDNPELRVVLVFGYNCCKVGASNYLQQVVSTFSDMNI
ILAGGQVDNLSSLTSEKNPLDIDASGVVGLSFSGHRIQSATVLLNEDVSDEKTAEAAMQRLKAANIPEHNTIGFMFACVG
RGFQYYRAKGNVEADAFRKFFPSVPLFGFFGNGEIGCDRIVTGNFILRKCNEVKDDDLFHSYTTIMALIHLGSSK
;
B
#
# COMPACT_ATOMS: atom_id res chain seq x y z
N VAL A 15 30.63 -28.47 13.60
CA VAL A 15 29.88 -27.24 13.46
C VAL A 15 29.43 -26.75 14.84
N ASP A 16 29.51 -25.44 15.04
CA ASP A 16 29.07 -24.86 16.31
C ASP A 16 27.60 -25.14 16.53
N VAL A 17 27.23 -25.39 17.78
CA VAL A 17 25.85 -25.73 18.10
C VAL A 17 24.92 -24.60 17.68
N GLU A 18 25.29 -23.36 18.01
CA GLU A 18 24.43 -22.22 17.68
C GLU A 18 24.42 -21.96 16.18
N ILE A 19 25.56 -22.13 15.52
CA ILE A 19 25.62 -21.92 14.08
C ILE A 19 24.67 -22.89 13.37
N ALA A 20 24.74 -24.17 13.73
CA ALA A 20 23.83 -25.14 13.15
C ALA A 20 22.38 -24.82 13.52
N LYS A 21 22.15 -24.38 14.75
CA LYS A 21 20.80 -24.03 15.18
C LYS A 21 20.24 -22.87 14.36
N GLN A 22 21.11 -22.00 13.85
CA GLN A 22 20.64 -20.87 13.04
C GLN A 22 19.82 -21.36 11.85
N SER A 23 20.10 -22.57 11.35
CA SER A 23 19.31 -23.15 10.29
C SER A 23 18.08 -23.83 10.89
N VAL A 24 16.90 -23.44 10.41
CA VAL A 24 15.67 -23.99 10.97
C VAL A 24 15.60 -25.48 10.72
N THR A 25 15.98 -25.93 9.53
CA THR A 25 15.86 -27.35 9.18
C THR A 25 16.60 -28.22 10.18
N ILE A 26 17.89 -27.94 10.38
CA ILE A 26 18.68 -28.75 11.30
C ILE A 26 18.28 -28.50 12.74
N LYS A 27 17.79 -27.30 13.05
CA LYS A 27 17.46 -26.96 14.43
C LYS A 27 16.48 -27.95 15.03
N THR A 28 15.59 -28.52 14.23
CA THR A 28 14.57 -29.43 14.74
C THR A 28 15.07 -30.87 14.85
N MET A 29 15.68 -31.39 13.79
CA MET A 29 16.03 -32.81 13.77
C MET A 29 16.91 -33.18 14.96
N LEU A 30 17.75 -32.25 15.44
CA LEU A 30 18.58 -32.55 16.60
C LEU A 30 17.73 -32.85 17.82
N GLU A 31 16.67 -32.06 18.04
CA GLU A 31 15.84 -32.26 19.21
C GLU A 31 15.15 -33.62 19.16
N ASP A 32 14.66 -34.02 18.00
CA ASP A 32 13.98 -35.30 17.85
C ASP A 32 14.98 -36.40 17.53
N VAL A 44 25.38 -35.65 12.07
CA VAL A 44 24.54 -34.63 11.46
C VAL A 44 24.50 -34.77 9.93
N PRO A 45 24.06 -35.92 9.43
CA PRO A 45 24.02 -36.11 7.97
C PRO A 45 23.11 -35.10 7.30
N LEU A 46 23.57 -34.60 6.15
CA LEU A 46 22.78 -33.72 5.27
C LEU A 46 22.89 -34.28 3.86
N PRO A 47 22.10 -35.30 3.52
CA PRO A 47 22.28 -35.96 2.22
C PRO A 47 22.12 -35.04 1.03
N ASN A 48 21.35 -33.96 1.16
CA ASN A 48 21.10 -33.03 0.07
C ASN A 48 21.97 -31.79 0.13
N VAL A 49 23.12 -31.86 0.80
CA VAL A 49 24.03 -30.73 0.93
C VAL A 49 25.46 -31.22 0.76
N ASN A 50 26.28 -30.43 0.08
CA ASN A 50 27.68 -30.75 -0.14
C ASN A 50 28.57 -29.98 0.83
N ALA A 51 29.84 -30.36 0.88
CA ALA A 51 30.77 -29.75 1.81
C ALA A 51 31.00 -28.28 1.49
N ALA A 52 31.17 -27.95 0.20
CA ALA A 52 31.50 -26.57 -0.17
C ALA A 52 30.37 -25.62 0.20
N ILE A 53 29.14 -25.94 -0.23
CA ILE A 53 28.02 -25.06 0.07
C ILE A 53 27.73 -25.06 1.56
N LEU A 54 27.95 -26.18 2.25
CA LEU A 54 27.78 -26.21 3.69
C LEU A 54 28.73 -25.22 4.36
N LYS A 55 30.00 -25.21 3.93
CA LYS A 55 30.96 -24.26 4.49
C LYS A 55 30.57 -22.84 4.15
N LYS A 56 30.06 -22.61 2.93
CA LYS A 56 29.58 -21.27 2.58
C LYS A 56 28.47 -20.83 3.51
N VAL A 57 27.55 -21.73 3.82
CA VAL A 57 26.42 -21.40 4.68
C VAL A 57 26.91 -21.08 6.09
N ILE A 58 27.82 -21.88 6.62
CA ILE A 58 28.27 -21.60 7.99
C ILE A 58 29.06 -20.31 8.01
N GLN A 59 29.79 -20.00 6.92
CA GLN A 59 30.48 -18.72 6.85
C GLN A 59 29.50 -17.57 6.88
N TRP A 60 28.43 -17.67 6.08
CA TRP A 60 27.42 -16.61 6.08
C TRP A 60 26.80 -16.45 7.46
N CYS A 61 26.50 -17.57 8.12
CA CYS A 61 25.97 -17.50 9.48
C CYS A 61 26.98 -16.84 10.42
N THR A 62 28.26 -17.15 10.24
CA THR A 62 29.29 -16.54 11.07
C THR A 62 29.27 -15.02 10.92
N HIS A 63 29.13 -14.53 9.69
CA HIS A 63 28.90 -13.11 9.51
C HIS A 63 27.58 -12.69 10.13
N HIS A 64 26.55 -13.52 9.98
CA HIS A 64 25.23 -13.25 10.51
C HIS A 64 25.03 -13.80 11.92
N LYS A 65 26.07 -14.36 12.53
CA LYS A 65 25.91 -14.94 13.85
C LYS A 65 25.44 -13.91 14.87
N ASP A 66 26.01 -12.71 14.82
CA ASP A 66 25.64 -11.63 15.73
C ASP A 66 24.46 -10.83 15.21
N ASP A 67 23.84 -11.26 14.12
CA ASP A 67 22.72 -10.52 13.57
C ASP A 67 21.59 -10.45 14.59
N PRO A 68 20.89 -9.33 14.70
CA PRO A 68 19.72 -9.29 15.57
C PRO A 68 18.65 -10.23 15.07
N PRO A 69 17.83 -10.77 15.96
CA PRO A 69 16.79 -11.70 15.53
C PRO A 69 15.92 -11.08 14.46
N PRO A 70 15.91 -11.63 13.25
CA PRO A 70 15.06 -11.08 12.19
C PRO A 70 13.62 -10.96 12.65
N PRO A 71 13.08 -9.72 12.75
CA PRO A 71 11.70 -9.58 13.21
C PRO A 71 10.71 -10.35 12.34
N GLU A 78 9.77 -4.17 3.42
CA GLU A 78 9.79 -3.73 2.03
C GLU A 78 10.20 -4.86 1.09
N LYS A 79 11.11 -5.71 1.56
CA LYS A 79 11.60 -6.85 0.79
C LYS A 79 12.42 -6.41 -0.41
N ARG A 80 12.92 -5.18 -0.40
CA ARG A 80 13.71 -4.67 -1.51
C ARG A 80 15.03 -5.44 -1.61
N THR A 81 15.81 -5.12 -2.64
CA THR A 81 17.11 -5.72 -2.85
C THR A 81 18.22 -4.68 -2.96
N ASP A 82 17.93 -3.41 -2.74
CA ASP A 82 18.96 -2.38 -2.67
C ASP A 82 19.57 -2.24 -1.28
N ASP A 83 19.10 -3.04 -0.32
CA ASP A 83 19.56 -2.99 1.06
C ASP A 83 20.32 -4.25 1.47
N ILE A 84 20.78 -5.04 0.51
CA ILE A 84 21.46 -6.30 0.79
C ILE A 84 22.79 -5.98 1.48
N PRO A 85 23.28 -6.82 2.39
CA PRO A 85 24.57 -6.53 3.04
C PRO A 85 25.71 -6.51 2.02
N VAL A 86 26.66 -5.59 2.24
CA VAL A 86 27.81 -5.49 1.35
C VAL A 86 28.73 -6.69 1.53
N TRP A 87 28.94 -7.12 2.78
CA TRP A 87 29.78 -8.28 3.01
C TRP A 87 29.18 -9.53 2.38
N ASP A 88 27.88 -9.73 2.54
CA ASP A 88 27.22 -10.84 1.88
C ASP A 88 27.30 -10.69 0.37
N GLN A 89 27.11 -9.47 -0.14
CA GLN A 89 27.24 -9.23 -1.57
C GLN A 89 28.58 -9.73 -2.08
N GLU A 90 29.66 -9.33 -1.40
CA GLU A 90 30.99 -9.82 -1.78
C GLU A 90 31.05 -11.33 -1.66
N PHE A 91 30.50 -11.88 -0.58
CA PHE A 91 30.37 -13.33 -0.47
C PHE A 91 29.40 -13.88 -1.49
N LEU A 92 28.44 -13.07 -1.93
CA LEU A 92 27.49 -13.45 -2.97
C LEU A 92 27.99 -13.12 -4.37
N LYS A 93 29.13 -12.44 -4.50
CA LYS A 93 29.70 -12.19 -5.81
C LYS A 93 30.32 -13.47 -6.34
N VAL A 94 29.49 -14.46 -6.63
CA VAL A 94 29.94 -15.77 -7.06
C VAL A 94 29.32 -16.10 -8.42
N ASP A 95 29.62 -17.29 -8.93
CA ASP A 95 29.05 -17.70 -10.20
C ASP A 95 27.55 -17.96 -10.06
N GLN A 96 26.87 -18.00 -11.20
CA GLN A 96 25.44 -18.31 -11.20
C GLN A 96 25.18 -19.66 -10.54
N GLY A 97 25.95 -20.67 -10.93
CA GLY A 97 25.79 -21.98 -10.31
C GLY A 97 26.01 -21.94 -8.82
N THR A 98 27.03 -21.19 -8.38
CA THR A 98 27.30 -21.08 -6.95
C THR A 98 26.14 -20.44 -6.22
N LEU A 99 25.66 -19.29 -6.72
CA LEU A 99 24.56 -18.60 -6.06
C LEU A 99 23.31 -19.46 -6.02
N PHE A 100 23.02 -20.18 -7.11
CA PHE A 100 21.80 -20.97 -7.16
C PHE A 100 21.90 -22.23 -6.31
N GLU A 101 23.09 -22.83 -6.20
CA GLU A 101 23.27 -23.91 -5.25
C GLU A 101 23.12 -23.40 -3.81
N LEU A 102 23.61 -22.18 -3.55
CA LEU A 102 23.39 -21.58 -2.24
C LEU A 102 21.91 -21.41 -1.96
N ILE A 103 21.15 -20.96 -2.96
CA ILE A 103 19.70 -20.82 -2.79
C ILE A 103 19.06 -22.18 -2.52
N LEU A 104 19.48 -23.21 -3.26
CA LEU A 104 18.94 -24.54 -3.03
C LEU A 104 19.21 -24.99 -1.60
N ALA A 105 20.42 -24.77 -1.10
CA ALA A 105 20.75 -25.15 0.26
C ALA A 105 19.91 -24.37 1.27
N ALA A 106 19.82 -23.05 1.09
CA ALA A 106 19.08 -22.23 2.04
C ALA A 106 17.62 -22.65 2.11
N ASN A 107 17.01 -22.92 0.95
CA ASN A 107 15.66 -23.44 0.96
C ASN A 107 15.60 -24.80 1.65
N TYR A 108 16.63 -25.64 1.43
CA TYR A 108 16.68 -26.93 2.11
C TYR A 108 16.95 -26.75 3.61
N LEU A 109 17.73 -25.73 3.99
CA LEU A 109 18.04 -25.46 5.38
C LEU A 109 17.13 -24.41 6.00
N ASP A 110 16.22 -23.83 5.22
CA ASP A 110 15.26 -22.86 5.73
C ASP A 110 15.96 -21.73 6.47
N ILE A 111 17.08 -21.28 5.92
CA ILE A 111 17.83 -20.15 6.47
C ILE A 111 17.18 -18.91 5.87
N LYS A 112 16.23 -18.32 6.61
CA LYS A 112 15.42 -17.25 6.05
C LYS A 112 16.28 -16.08 5.59
N GLY A 113 17.25 -15.68 6.41
CA GLY A 113 18.08 -14.55 6.02
C GLY A 113 18.89 -14.82 4.76
N LEU A 114 19.53 -15.99 4.70
CA LEU A 114 20.36 -16.32 3.54
C LEU A 114 19.51 -16.43 2.28
N LEU A 115 18.40 -17.17 2.38
CA LEU A 115 17.54 -17.34 1.22
C LEU A 115 17.00 -16.00 0.75
N ASP A 116 16.59 -15.14 1.68
CA ASP A 116 16.05 -13.86 1.27
C ASP A 116 17.11 -12.98 0.63
N VAL A 117 18.35 -13.02 1.12
CA VAL A 117 19.39 -12.18 0.50
C VAL A 117 19.74 -12.69 -0.90
N THR A 118 19.85 -14.01 -1.08
CA THR A 118 20.13 -14.53 -2.41
C THR A 118 18.99 -14.21 -3.38
N CYS A 119 17.75 -14.34 -2.92
CA CYS A 119 16.62 -14.03 -3.79
C CYS A 119 16.53 -12.53 -4.05
N LYS A 120 16.93 -11.69 -3.10
CA LYS A 120 17.04 -10.27 -3.37
C LYS A 120 18.02 -10.03 -4.51
N THR A 121 19.17 -10.70 -4.48
CA THR A 121 20.15 -10.53 -5.55
C THR A 121 19.59 -11.00 -6.89
N VAL A 122 18.91 -12.15 -6.90
CA VAL A 122 18.38 -12.69 -8.15
C VAL A 122 17.34 -11.74 -8.73
N ALA A 123 16.43 -11.25 -7.89
CA ALA A 123 15.44 -10.29 -8.38
C ALA A 123 16.13 -9.03 -8.88
N ASN A 124 17.16 -8.56 -8.17
CA ASN A 124 17.91 -7.40 -8.65
C ASN A 124 18.45 -7.65 -10.05
N MET A 125 18.91 -8.87 -10.31
CA MET A 125 19.33 -9.22 -11.67
C MET A 125 18.15 -9.14 -12.62
N ILE A 126 16.98 -9.64 -12.21
CA ILE A 126 15.81 -9.67 -13.09
C ILE A 126 15.29 -8.27 -13.37
N LYS A 127 15.31 -7.39 -12.36
CA LYS A 127 14.73 -6.07 -12.53
C LYS A 127 15.32 -5.37 -13.74
N GLY A 128 14.48 -4.60 -14.43
CA GLY A 128 14.87 -3.85 -15.61
C GLY A 128 14.79 -4.64 -16.90
N LYS A 129 15.17 -5.92 -16.84
CA LYS A 129 15.17 -6.77 -18.02
C LYS A 129 13.74 -7.17 -18.38
N THR A 130 13.38 -6.99 -19.64
CA THR A 130 12.12 -7.49 -20.15
C THR A 130 12.28 -8.96 -20.56
N PRO A 131 11.17 -9.67 -20.75
CA PRO A 131 11.28 -11.08 -21.14
C PRO A 131 12.25 -11.31 -22.28
N GLU A 132 12.30 -10.37 -23.23
CA GLU A 132 13.23 -10.48 -24.35
C GLU A 132 14.68 -10.60 -23.89
N GLU A 133 14.99 -10.09 -22.70
CA GLU A 133 16.33 -10.23 -22.12
C GLU A 133 16.40 -11.28 -21.04
N ILE A 134 15.38 -11.38 -20.19
CA ILE A 134 15.41 -12.36 -19.10
C ILE A 134 15.47 -13.77 -19.65
N ARG A 135 14.69 -14.05 -20.68
CA ARG A 135 14.61 -15.41 -21.21
C ARG A 135 15.99 -15.88 -21.67
N LYS A 136 16.75 -15.00 -22.33
CA LYS A 136 18.12 -15.34 -22.69
C LYS A 136 19.03 -15.39 -21.47
N THR A 137 18.80 -14.49 -20.51
CA THR A 137 19.69 -14.40 -19.35
C THR A 137 19.69 -15.71 -18.57
N PHE A 138 18.51 -16.29 -18.35
CA PHE A 138 18.40 -17.54 -17.61
C PHE A 138 18.01 -18.71 -18.50
N ASN A 139 18.24 -18.60 -19.81
CA ASN A 139 17.90 -19.65 -20.76
C ASN A 139 16.52 -20.23 -20.46
N ILE A 140 15.56 -19.34 -20.27
CA ILE A 140 14.20 -19.70 -19.88
C ILE A 140 13.48 -20.23 -21.12
N LYS A 141 13.42 -21.55 -21.24
CA LYS A 141 12.66 -22.19 -22.31
C LYS A 141 11.23 -21.65 -22.33
N ASN A 142 10.83 -21.12 -23.48
CA ASN A 142 9.52 -20.50 -23.58
C ASN A 142 8.42 -21.53 -23.35
N ASP A 143 7.29 -21.07 -22.84
CA ASP A 143 6.17 -21.95 -22.53
C ASP A 143 4.82 -21.39 -22.95
N PHE A 144 4.76 -20.19 -23.54
CA PHE A 144 3.53 -19.64 -24.07
C PHE A 144 3.55 -19.64 -25.59
N THR A 145 2.47 -20.14 -26.18
CA THR A 145 2.22 -19.93 -27.60
C THR A 145 1.90 -18.46 -27.85
N GLU A 146 2.07 -18.05 -29.10
CA GLU A 146 1.91 -16.63 -29.43
C GLU A 146 0.54 -16.12 -29.00
N GLU A 147 -0.51 -16.93 -29.18
CA GLU A 147 -1.85 -16.49 -28.82
C GLU A 147 -1.95 -16.22 -27.32
N GLU A 148 -1.55 -17.19 -26.50
CA GLU A 148 -1.60 -17.00 -25.06
C GLU A 148 -0.58 -15.95 -24.61
N GLU A 149 0.53 -15.83 -25.33
CA GLU A 149 1.49 -14.77 -25.04
C GLU A 149 0.84 -13.40 -25.17
N ALA A 150 0.18 -13.15 -26.29
CA ALA A 150 -0.53 -11.88 -26.45
C ALA A 150 -1.65 -11.75 -25.45
N GLN A 151 -2.31 -12.87 -25.12
CA GLN A 151 -3.37 -12.83 -24.13
C GLN A 151 -2.85 -12.31 -22.80
N VAL A 152 -1.73 -12.85 -22.34
CA VAL A 152 -1.18 -12.43 -21.05
C VAL A 152 -0.67 -11.00 -21.15
N ARG A 153 -0.07 -10.63 -22.29
CA ARG A 153 0.40 -9.25 -22.44
C ARG A 153 -0.75 -8.27 -22.32
N LYS A 154 -1.88 -8.56 -22.98
CA LYS A 154 -3.03 -7.66 -22.90
C LYS A 154 -3.66 -7.71 -21.52
N GLU A 155 -3.63 -8.87 -20.86
CA GLU A 155 -4.08 -8.95 -19.48
C GLU A 155 -3.18 -8.16 -18.55
N ASN A 156 -1.99 -7.78 -19.00
CA ASN A 156 -1.02 -7.06 -18.20
C ASN A 156 -0.41 -5.92 -19.02
N GLN A 157 -1.24 -5.29 -19.86
CA GLN A 157 -0.73 -4.27 -20.77
C GLN A 157 -0.11 -3.10 -20.01
N TRP A 158 -0.48 -2.89 -18.75
CA TRP A 158 0.15 -1.85 -17.96
C TRP A 158 1.65 -2.06 -17.85
N CYS A 159 2.11 -3.31 -18.02
CA CYS A 159 3.54 -3.58 -17.91
C CYS A 159 4.35 -2.79 -18.93
N GLU A 160 3.77 -2.52 -20.10
CA GLU A 160 4.47 -1.75 -21.12
C GLU A 160 4.79 -0.33 -20.66
N GLU A 161 4.04 0.19 -19.69
CA GLU A 161 4.27 1.55 -19.22
C GLU A 161 5.55 1.61 -18.38
N LYS A 162 6.69 1.81 -19.04
CA LYS A 162 7.98 1.84 -18.39
C LYS A 162 8.33 0.46 -17.83
N SER B 11 20.96 -23.08 -11.60
CA SER B 11 20.15 -22.58 -12.69
C SER B 11 19.35 -23.70 -13.32
N THR B 12 19.86 -24.92 -13.23
CA THR B 12 19.19 -26.06 -13.84
C THR B 12 17.81 -26.34 -13.25
N PHE B 13 17.66 -26.20 -11.94
CA PHE B 13 16.42 -26.52 -11.25
C PHE B 13 15.96 -25.44 -10.29
N VAL B 14 16.61 -24.28 -10.29
CA VAL B 14 16.39 -23.29 -9.24
C VAL B 14 15.23 -22.38 -9.61
N LEU B 15 15.36 -21.63 -10.70
CA LEU B 15 14.31 -20.70 -11.09
C LEU B 15 13.18 -21.38 -11.86
N SER B 16 13.26 -22.69 -12.04
CA SER B 16 12.15 -23.47 -12.59
C SER B 16 12.18 -24.85 -11.94
N ASN B 17 11.02 -25.49 -11.90
CA ASN B 17 10.80 -26.76 -11.21
C ASN B 17 10.83 -26.59 -9.69
N LEU B 18 10.97 -25.36 -9.19
CA LEU B 18 11.07 -25.09 -7.75
C LEU B 18 10.24 -23.84 -7.46
N ALA B 19 8.97 -24.06 -7.11
CA ALA B 19 8.01 -22.95 -7.08
C ALA B 19 8.32 -21.97 -5.95
N GLU B 20 8.75 -22.44 -4.79
CA GLU B 20 8.93 -21.53 -3.65
C GLU B 20 9.99 -20.48 -3.96
N VAL B 21 11.10 -20.89 -4.59
CA VAL B 21 12.19 -19.96 -4.86
C VAL B 21 11.73 -18.86 -5.81
N VAL B 22 11.09 -19.25 -6.92
CA VAL B 22 10.65 -18.26 -7.89
C VAL B 22 9.59 -17.36 -7.28
N GLU B 23 8.65 -17.93 -6.53
CA GLU B 23 7.61 -17.15 -5.90
C GLU B 23 8.21 -16.11 -4.96
N ARG B 24 9.17 -16.53 -4.14
CA ARG B 24 9.82 -15.58 -3.23
C ARG B 24 10.54 -14.49 -4.02
N VAL B 25 11.40 -14.88 -4.95
CA VAL B 25 12.19 -13.89 -5.68
C VAL B 25 11.26 -12.86 -6.31
N LEU B 26 10.15 -13.32 -6.89
CA LEU B 26 9.16 -12.38 -7.42
C LEU B 26 8.60 -11.51 -6.32
N THR B 27 8.38 -12.08 -5.13
CA THR B 27 7.96 -11.25 -4.01
C THR B 27 8.92 -10.08 -3.83
N PHE B 28 10.20 -10.31 -4.08
CA PHE B 28 11.17 -9.21 -4.03
C PHE B 28 11.28 -8.52 -5.40
N LEU B 29 10.14 -8.08 -5.94
CA LEU B 29 10.09 -7.28 -7.17
C LEU B 29 9.07 -6.16 -7.01
N PRO B 30 9.10 -5.16 -7.89
CA PRO B 30 8.03 -4.14 -7.86
C PRO B 30 6.82 -4.55 -8.69
N ALA B 31 5.85 -3.65 -8.85
CA ALA B 31 4.61 -4.00 -9.53
C ALA B 31 4.78 -4.03 -11.03
N LYS B 32 5.27 -2.93 -11.61
CA LYS B 32 5.42 -2.86 -13.06
C LYS B 32 6.26 -4.03 -13.57
N ALA B 33 7.42 -4.25 -12.95
CA ALA B 33 8.24 -5.39 -13.31
C ALA B 33 7.54 -6.70 -13.00
N LEU B 34 6.67 -6.71 -11.98
CA LEU B 34 5.87 -7.91 -11.71
C LEU B 34 5.06 -8.30 -12.94
N LEU B 35 4.30 -7.35 -13.47
CA LEU B 35 3.53 -7.63 -14.67
C LEU B 35 4.43 -7.97 -15.85
N ARG B 36 5.52 -7.22 -16.01
CA ARG B 36 6.40 -7.44 -17.16
C ARG B 36 6.98 -8.85 -17.15
N VAL B 37 7.44 -9.32 -15.99
CA VAL B 37 7.99 -10.67 -15.88
C VAL B 37 6.91 -11.73 -15.73
N ALA B 38 5.65 -11.33 -15.56
CA ALA B 38 4.56 -12.30 -15.57
C ALA B 38 4.56 -13.14 -16.84
N CYS B 39 5.00 -12.56 -17.96
CA CYS B 39 4.93 -13.22 -19.25
C CYS B 39 6.11 -14.15 -19.50
N VAL B 40 7.03 -14.28 -18.55
CA VAL B 40 8.22 -15.09 -18.78
C VAL B 40 7.88 -16.58 -18.80
N CYS B 41 7.18 -17.07 -17.78
CA CYS B 41 6.90 -18.49 -17.69
C CYS B 41 5.55 -18.72 -17.06
N ARG B 42 4.92 -19.83 -17.44
CA ARG B 42 3.59 -20.16 -16.90
C ARG B 42 3.67 -20.40 -15.40
N LEU B 43 4.69 -21.13 -14.94
CA LEU B 43 4.92 -21.25 -13.51
C LEU B 43 5.24 -19.89 -12.90
N TRP B 44 6.06 -19.10 -13.58
CA TRP B 44 6.30 -17.73 -13.13
C TRP B 44 5.03 -16.90 -13.16
N ARG B 45 4.18 -17.12 -14.17
CA ARG B 45 2.92 -16.39 -14.24
C ARG B 45 2.03 -16.73 -13.04
N GLU B 46 1.92 -18.02 -12.71
CA GLU B 46 1.13 -18.40 -11.55
C GLU B 46 1.74 -17.82 -10.28
N CYS B 47 3.07 -17.81 -10.18
CA CYS B 47 3.70 -17.27 -8.98
C CYS B 47 3.43 -15.78 -8.83
N VAL B 48 3.47 -15.03 -9.93
CA VAL B 48 3.11 -13.62 -9.83
C VAL B 48 1.63 -13.47 -9.51
N ARG B 49 0.80 -14.42 -9.95
CA ARG B 49 -0.60 -14.39 -9.54
C ARG B 49 -0.70 -14.53 -8.02
N ARG B 50 0.09 -15.44 -7.44
CA ARG B 50 0.10 -15.58 -5.99
C ARG B 50 0.56 -14.30 -5.32
N VAL B 51 1.65 -13.71 -5.82
CA VAL B 51 2.18 -12.48 -5.24
C VAL B 51 1.14 -11.38 -5.32
N LEU B 52 0.31 -11.41 -6.36
CA LEU B 52 -0.76 -10.42 -6.49
C LEU B 52 -1.88 -10.69 -5.49
N ARG B 53 -2.19 -11.97 -5.26
CA ARG B 53 -3.24 -12.32 -4.31
C ARG B 53 -2.83 -12.08 -2.87
N THR B 54 -1.53 -12.01 -2.58
CA THR B 54 -1.06 -11.66 -1.25
C THR B 54 -0.60 -10.20 -1.17
N HIS B 55 -1.22 -9.32 -1.95
CA HIS B 55 -0.95 -7.88 -1.92
C HIS B 55 -1.98 -7.13 -1.09
N ARG B 56 -2.46 -7.76 -0.01
CA ARG B 56 -3.57 -7.22 0.77
C ARG B 56 -3.06 -6.09 1.66
N SER B 57 -2.68 -4.99 1.01
CA SER B 57 -2.09 -3.85 1.71
C SER B 57 -2.37 -2.59 0.90
N VAL B 58 -1.85 -1.48 1.41
CA VAL B 58 -2.03 -0.17 0.80
C VAL B 58 -0.69 0.55 0.76
N THR B 59 -0.59 1.52 -0.14
CA THR B 59 0.61 2.33 -0.27
C THR B 59 0.21 3.68 -0.84
N TRP B 60 1.12 4.65 -0.72
CA TRP B 60 0.86 6.00 -1.19
C TRP B 60 2.16 6.69 -1.58
N ILE B 61 2.12 7.44 -2.67
CA ILE B 61 3.26 8.27 -3.07
C ILE B 61 3.24 9.50 -2.19
N SER B 62 4.32 10.28 -2.18
CA SER B 62 4.41 11.45 -1.32
C SER B 62 5.16 12.56 -2.02
N ALA B 63 4.81 13.80 -1.67
CA ALA B 63 5.43 15.00 -2.21
C ALA B 63 5.72 15.99 -1.09
N GLY B 64 6.38 15.51 -0.04
CA GLY B 64 6.43 16.25 1.22
C GLY B 64 7.58 17.21 1.36
N LEU B 65 8.55 16.88 2.22
CA LEU B 65 9.58 17.82 2.64
C LEU B 65 10.15 18.62 1.49
N ALA B 66 10.02 19.94 1.57
CA ALA B 66 10.62 20.89 0.63
C ALA B 66 10.54 20.37 -0.80
N GLU B 67 9.36 19.87 -1.17
CA GLU B 67 9.21 19.29 -2.50
C GLU B 67 9.14 20.37 -3.58
N ALA B 68 8.40 21.45 -3.33
CA ALA B 68 8.18 22.45 -4.36
C ALA B 68 9.50 23.10 -4.78
N GLY B 69 10.26 23.61 -3.81
CA GLY B 69 11.49 24.32 -4.10
C GLY B 69 11.30 25.39 -5.16
N HIS B 70 12.41 25.83 -5.76
CA HIS B 70 12.32 26.78 -6.86
C HIS B 70 12.02 26.09 -8.19
N LEU B 71 12.11 24.76 -8.25
CA LEU B 71 11.83 24.03 -9.47
C LEU B 71 11.52 22.58 -9.09
N GLU B 72 10.42 22.06 -9.63
CA GLU B 72 10.01 20.69 -9.35
C GLU B 72 9.62 19.89 -10.58
N GLY B 73 9.24 20.52 -11.69
CA GLY B 73 8.89 19.80 -12.88
C GLY B 73 7.68 18.92 -12.71
N HIS B 74 6.50 19.52 -12.54
CA HIS B 74 5.23 18.80 -12.53
C HIS B 74 5.23 17.73 -11.45
N CYS B 75 5.28 18.21 -10.20
CA CYS B 75 5.21 17.33 -9.03
C CYS B 75 4.14 16.26 -9.21
N LEU B 76 2.92 16.67 -9.54
CA LEU B 76 1.80 15.75 -9.61
C LEU B 76 2.05 14.63 -10.61
N VAL B 77 2.96 14.83 -11.56
CA VAL B 77 3.30 13.83 -12.56
C VAL B 77 4.59 13.10 -12.19
N ARG B 78 5.65 13.85 -11.94
CA ARG B 78 6.95 13.24 -11.69
C ARG B 78 6.93 12.37 -10.45
N VAL B 79 6.28 12.84 -9.38
CA VAL B 79 6.29 12.08 -8.13
C VAL B 79 5.59 10.74 -8.33
N VAL B 80 4.42 10.75 -8.96
CA VAL B 80 3.69 9.50 -9.18
C VAL B 80 4.51 8.59 -10.10
N ALA B 81 5.08 9.14 -11.16
CA ALA B 81 5.84 8.31 -12.10
C ALA B 81 7.01 7.64 -11.41
N GLU B 82 7.76 8.40 -10.60
CA GLU B 82 8.93 7.82 -9.93
C GLU B 82 8.54 6.85 -8.83
N GLU B 83 7.47 7.15 -8.09
CA GLU B 83 7.06 6.34 -6.95
C GLU B 83 6.20 5.15 -7.35
N LEU B 84 5.83 5.03 -8.63
CA LEU B 84 5.25 3.80 -9.14
C LEU B 84 6.29 2.74 -9.46
N GLU B 85 7.52 2.90 -8.96
CA GLU B 85 8.61 1.97 -9.20
C GLU B 85 8.87 1.04 -8.03
N ASN B 86 8.63 1.47 -6.80
CA ASN B 86 8.82 0.67 -5.60
C ASN B 86 7.49 0.28 -4.97
N VAL B 87 6.50 -0.01 -5.80
CA VAL B 87 5.16 -0.39 -5.37
C VAL B 87 4.92 -1.83 -5.79
N ARG B 88 4.48 -2.66 -4.83
CA ARG B 88 4.23 -4.07 -5.10
C ARG B 88 2.76 -4.37 -5.36
N ILE B 89 1.85 -3.54 -4.87
CA ILE B 89 0.43 -3.81 -4.99
C ILE B 89 -0.05 -3.39 -6.36
N LEU B 90 -0.65 -4.33 -7.09
CA LEU B 90 -1.25 -4.02 -8.38
C LEU B 90 -2.52 -3.22 -8.18
N PRO B 91 -2.57 -1.94 -8.54
CA PRO B 91 -3.75 -1.14 -8.21
C PRO B 91 -5.03 -1.73 -8.80
N HIS B 92 -6.09 -1.68 -8.00
CA HIS B 92 -7.45 -1.99 -8.43
C HIS B 92 -8.38 -0.80 -8.31
N THR B 93 -8.08 0.14 -7.43
CA THR B 93 -8.75 1.42 -7.33
C THR B 93 -7.72 2.41 -6.83
N VAL B 94 -7.79 3.65 -7.31
CA VAL B 94 -6.78 4.66 -7.04
C VAL B 94 -7.35 5.72 -6.12
N LEU B 95 -6.64 5.96 -5.01
CA LEU B 95 -6.93 7.06 -4.10
C LEU B 95 -5.71 7.97 -4.04
N TYR B 96 -5.94 9.27 -4.16
CA TYR B 96 -4.84 10.22 -4.26
C TYR B 96 -5.35 11.60 -3.88
N MET B 97 -4.42 12.54 -3.79
CA MET B 97 -4.76 13.95 -3.60
C MET B 97 -3.67 14.78 -4.24
N ALA B 98 -3.90 16.10 -4.29
CA ALA B 98 -2.92 17.04 -4.78
C ALA B 98 -3.44 18.45 -4.58
N ASP B 99 -2.53 19.40 -4.43
CA ASP B 99 -2.91 20.78 -4.19
C ASP B 99 -3.33 21.46 -5.49
N SER B 100 -4.32 22.33 -5.39
CA SER B 100 -4.80 23.06 -6.56
C SER B 100 -3.73 24.00 -7.12
N GLU B 101 -3.05 24.73 -6.23
CA GLU B 101 -2.04 25.70 -6.65
C GLU B 101 -0.87 24.98 -7.32
N ARG B 118 -6.10 29.16 -19.87
CA ARG B 118 -7.39 29.08 -19.17
C ARG B 118 -7.34 27.99 -18.09
N THR B 119 -8.40 27.92 -17.28
CA THR B 119 -8.50 26.90 -16.25
C THR B 119 -8.45 25.52 -16.89
N SER B 120 -7.38 24.78 -16.63
CA SER B 120 -7.18 23.47 -17.25
C SER B 120 -6.68 22.51 -16.18
N MET B 121 -6.25 21.33 -16.63
CA MET B 121 -5.74 20.32 -15.72
C MET B 121 -5.10 19.21 -16.53
N GLU B 122 -4.04 18.61 -15.96
CA GLU B 122 -3.38 17.47 -16.57
C GLU B 122 -3.16 16.32 -15.58
N THR B 123 -3.63 16.46 -14.34
CA THR B 123 -3.52 15.36 -13.38
C THR B 123 -4.36 14.17 -13.83
N ALA B 124 -5.58 14.42 -14.31
CA ALA B 124 -6.40 13.34 -14.82
C ALA B 124 -5.76 12.65 -16.01
N LEU B 125 -4.87 13.34 -16.71
CA LEU B 125 -4.14 12.71 -17.81
C LEU B 125 -2.98 11.88 -17.28
N ALA B 126 -2.10 12.50 -16.49
CA ALA B 126 -0.92 11.80 -15.99
C ALA B 126 -1.31 10.55 -15.21
N LEU B 127 -2.16 10.72 -14.19
CA LEU B 127 -2.52 9.59 -13.34
C LEU B 127 -3.23 8.51 -14.15
N GLU B 128 -4.28 8.89 -14.88
CA GLU B 128 -5.02 7.90 -15.64
C GLU B 128 -4.15 7.23 -16.70
N LYS B 129 -3.02 7.84 -17.06
CA LYS B 129 -2.08 7.21 -17.98
C LYS B 129 -1.12 6.28 -17.24
N LEU B 130 -0.82 6.57 -15.98
CA LEU B 130 0.11 5.73 -15.21
C LEU B 130 -0.55 4.52 -14.57
N PHE B 131 -1.88 4.39 -14.68
CA PHE B 131 -2.62 3.32 -14.04
C PHE B 131 -3.22 2.36 -15.08
N PRO B 132 -3.55 1.13 -14.67
CA PRO B 132 -4.10 0.18 -15.64
C PRO B 132 -5.37 0.72 -16.27
N LYS B 133 -5.57 0.39 -17.54
CA LYS B 133 -6.76 0.85 -18.24
C LYS B 133 -8.04 0.37 -17.56
N GLN B 134 -7.97 -0.70 -16.77
CA GLN B 134 -9.12 -1.28 -16.09
C GLN B 134 -9.15 -0.94 -14.60
N CYS B 135 -8.79 0.28 -14.24
CA CYS B 135 -8.67 0.69 -12.84
C CYS B 135 -9.48 1.96 -12.61
N GLN B 136 -10.54 1.84 -11.81
CA GLN B 136 -11.29 3.01 -11.37
C GLN B 136 -10.37 3.94 -10.59
N VAL B 137 -10.55 5.24 -10.77
CA VAL B 137 -9.63 6.24 -10.23
C VAL B 137 -10.39 7.13 -9.26
N LEU B 138 -9.91 7.20 -8.01
CA LEU B 138 -10.39 8.16 -7.03
C LEU B 138 -9.25 9.10 -6.65
N GLY B 139 -9.61 10.33 -6.32
CA GLY B 139 -8.66 11.32 -5.92
C GLY B 139 -9.20 12.72 -6.15
N ILE B 140 -8.76 13.68 -5.35
CA ILE B 140 -9.37 15.00 -5.30
C ILE B 140 -8.27 16.04 -5.21
N VAL B 141 -8.64 17.30 -5.44
CA VAL B 141 -7.76 18.45 -5.23
C VAL B 141 -8.41 19.34 -4.18
N THR B 142 -7.65 19.65 -3.14
CA THR B 142 -8.15 20.41 -1.99
C THR B 142 -7.13 21.45 -1.58
N PRO B 143 -7.55 22.52 -0.91
CA PRO B 143 -6.58 23.52 -0.45
C PRO B 143 -5.50 22.94 0.46
N GLY B 144 -5.87 21.97 1.30
CA GLY B 144 -4.91 21.32 2.17
C GLY B 144 -5.08 19.82 2.12
N ILE B 145 -4.01 19.12 2.45
CA ILE B 145 -3.97 17.66 2.39
C ILE B 145 -3.09 17.14 3.51
N VAL B 146 -3.46 15.98 4.04
CA VAL B 146 -2.68 15.30 5.08
C VAL B 146 -2.08 14.05 4.46
N VAL B 147 -0.76 13.92 4.56
CA VAL B 147 -0.03 12.79 4.00
C VAL B 147 1.01 12.32 4.99
N THR B 148 1.13 11.00 5.14
CA THR B 148 2.18 10.40 5.96
C THR B 148 3.45 10.24 5.14
N PRO B 149 4.60 10.73 5.60
CA PRO B 149 5.81 10.61 4.78
C PRO B 149 6.15 9.16 4.50
N MET B 150 6.71 8.92 3.31
CA MET B 150 7.02 7.57 2.86
C MET B 150 8.27 7.06 3.58
N GLY B 151 8.77 5.91 3.15
CA GLY B 151 9.92 5.28 3.76
C GLY B 151 9.56 4.40 4.95
N SER B 152 8.50 4.74 5.68
CA SER B 152 8.02 3.94 6.79
C SER B 152 6.69 4.51 7.24
N GLY B 153 5.76 3.62 7.60
CA GLY B 153 4.47 4.06 8.08
C GLY B 153 4.54 4.85 9.37
N SER B 154 5.67 4.78 10.07
CA SER B 154 5.83 5.47 11.34
C SER B 154 6.29 6.92 11.17
N ASN B 155 6.40 7.41 9.94
CA ASN B 155 6.83 8.77 9.72
C ASN B 155 5.82 9.75 10.30
N ARG B 156 6.29 10.94 10.64
CA ARG B 156 5.46 11.94 11.31
C ARG B 156 4.49 12.59 10.34
N PRO B 157 3.18 12.49 10.54
CA PRO B 157 2.26 13.26 9.70
C PRO B 157 2.39 14.74 9.99
N GLN B 158 2.20 15.54 8.93
CA GLN B 158 2.37 16.98 8.99
C GLN B 158 1.21 17.64 8.28
N GLU B 159 0.48 18.50 8.99
CA GLU B 159 -0.66 19.20 8.42
C GLU B 159 -0.18 20.14 7.32
N ILE B 160 -0.46 19.79 6.07
CA ILE B 160 -0.10 20.63 4.93
C ILE B 160 -1.37 21.38 4.54
N GLU B 161 -1.57 22.54 5.16
CA GLU B 161 -2.69 23.40 4.77
C GLU B 161 -2.38 24.15 3.49
N ILE B 162 -1.12 24.54 3.29
CA ILE B 162 -0.67 25.21 2.08
C ILE B 162 0.60 24.50 1.61
N GLY B 163 0.63 24.14 0.32
CA GLY B 163 1.79 23.48 -0.25
C GLY B 163 1.45 22.69 -1.49
N GLU B 164 2.42 22.58 -2.40
CA GLU B 164 2.24 21.84 -3.65
C GLU B 164 2.72 20.42 -3.42
N SER B 165 1.80 19.50 -3.22
CA SER B 165 2.14 18.14 -2.82
C SER B 165 1.00 17.21 -3.21
N GLY B 166 1.02 16.00 -2.68
CA GLY B 166 -0.05 15.04 -2.88
C GLY B 166 0.46 13.62 -2.77
N PHE B 167 -0.42 12.74 -2.32
CA PHE B 167 -0.17 11.31 -2.25
C PHE B 167 -1.14 10.57 -3.17
N ALA B 168 -0.83 9.31 -3.45
CA ALA B 168 -1.60 8.48 -4.37
C ALA B 168 -1.81 7.12 -3.71
N LEU B 169 -2.88 7.02 -2.92
CA LEU B 169 -3.20 5.77 -2.23
C LEU B 169 -3.78 4.79 -3.23
N LEU B 170 -3.12 3.64 -3.37
CA LEU B 170 -3.46 2.65 -4.37
C LEU B 170 -4.19 1.49 -3.70
N PHE B 171 -5.38 1.18 -4.19
CA PHE B 171 -6.18 0.11 -3.61
C PHE B 171 -6.14 -1.09 -4.53
N PRO B 172 -5.39 -2.14 -4.19
CA PRO B 172 -5.40 -3.34 -5.03
C PRO B 172 -6.69 -4.14 -4.82
N GLN B 173 -6.80 -5.27 -5.50
CA GLN B 173 -7.91 -6.17 -5.26
C GLN B 173 -7.68 -6.89 -3.94
N ILE B 174 -8.59 -6.69 -2.99
CA ILE B 174 -8.46 -7.23 -1.65
C ILE B 174 -9.54 -8.29 -1.50
N GLU B 175 -9.14 -9.55 -1.61
CA GLU B 175 -10.10 -10.66 -1.60
C GLU B 175 -11.07 -10.52 -0.43
N GLY B 176 -12.35 -10.36 -0.75
CA GLY B 176 -13.37 -10.16 0.26
C GLY B 176 -13.58 -8.72 0.67
N ILE B 177 -12.90 -7.77 0.04
CA ILE B 177 -13.07 -6.35 0.33
C ILE B 177 -13.15 -5.62 -1.01
N LYS B 178 -14.35 -5.22 -1.40
CA LYS B 178 -14.59 -4.53 -2.67
C LYS B 178 -14.88 -3.06 -2.35
N ILE B 179 -13.83 -2.25 -2.36
CA ILE B 179 -13.94 -0.83 -1.99
C ILE B 179 -14.34 -0.10 -3.27
N GLN B 180 -15.64 -0.14 -3.56
CA GLN B 180 -16.16 0.31 -4.85
C GLN B 180 -16.43 1.80 -4.82
N PRO B 181 -15.80 2.62 -5.66
CA PRO B 181 -16.04 4.06 -5.60
C PRO B 181 -17.39 4.47 -6.17
N PHE B 182 -17.62 5.78 -6.27
CA PHE B 182 -18.83 6.32 -6.86
C PHE B 182 -18.66 7.83 -7.01
N HIS B 183 -19.32 8.40 -8.01
CA HIS B 183 -19.37 9.85 -8.16
C HIS B 183 -20.72 10.20 -8.77
N PHE B 184 -21.66 10.59 -7.92
CA PHE B 184 -23.02 10.91 -8.32
C PHE B 184 -23.16 12.42 -8.44
N ILE B 185 -23.57 12.88 -9.62
CA ILE B 185 -23.54 14.30 -9.94
C ILE B 185 -24.89 14.92 -9.60
N LYS B 186 -24.87 16.24 -9.40
CA LYS B 186 -26.08 17.01 -9.08
C LYS B 186 -26.79 17.45 -10.36
N ASP B 187 -27.14 16.45 -11.17
CA ASP B 187 -27.87 16.73 -12.39
C ASP B 187 -29.24 17.33 -12.05
N PRO B 188 -29.73 18.29 -12.85
CA PRO B 188 -31.05 18.86 -12.54
C PRO B 188 -32.18 17.83 -12.56
N LEU B 193 -32.50 11.87 -7.03
CA LEU B 193 -31.53 10.80 -7.28
C LEU B 193 -32.23 9.45 -7.33
N GLU B 194 -32.13 8.78 -8.46
CA GLU B 194 -32.79 7.50 -8.64
C GLU B 194 -32.12 6.42 -7.80
N ARG B 195 -32.91 5.41 -7.42
CA ARG B 195 -32.39 4.33 -6.59
C ARG B 195 -31.35 3.52 -7.34
N HIS B 196 -31.68 3.07 -8.56
CA HIS B 196 -30.79 2.16 -9.28
C HIS B 196 -29.38 2.73 -9.39
N GLN B 197 -29.26 4.04 -9.57
CA GLN B 197 -27.95 4.67 -9.66
C GLN B 197 -27.12 4.37 -8.43
N LEU B 198 -27.69 4.59 -7.24
CA LEU B 198 -26.94 4.36 -6.01
C LEU B 198 -26.72 2.87 -5.75
N THR B 199 -27.76 2.06 -5.97
CA THR B 199 -27.63 0.63 -5.72
C THR B 199 -26.57 0.00 -6.62
N GLU B 200 -26.31 0.59 -7.78
CA GLU B 200 -25.34 0.00 -8.69
C GLU B 200 -23.97 -0.14 -8.03
N VAL B 201 -23.56 0.88 -7.27
CA VAL B 201 -22.20 0.91 -6.73
C VAL B 201 -22.09 0.22 -5.37
N GLY B 202 -23.19 -0.28 -4.82
CA GLY B 202 -23.15 -0.96 -3.53
C GLY B 202 -23.31 -0.07 -2.32
N LEU B 203 -23.85 1.15 -2.49
CA LEU B 203 -24.11 2.01 -1.33
C LEU B 203 -25.38 1.59 -0.62
N LEU B 204 -26.51 1.60 -1.33
CA LEU B 204 -27.79 1.20 -0.79
C LEU B 204 -28.12 -0.22 -1.24
N ASP B 205 -28.95 -0.90 -0.44
CA ASP B 205 -29.28 -2.29 -0.69
C ASP B 205 -28.00 -3.14 -0.79
N ASN B 206 -27.03 -2.81 0.06
CA ASN B 206 -25.74 -3.50 0.10
C ASN B 206 -25.55 -4.11 1.49
N PRO B 207 -25.50 -5.44 1.62
CA PRO B 207 -25.40 -6.03 2.97
C PRO B 207 -23.98 -6.07 3.51
N GLU B 208 -23.07 -5.26 2.96
CA GLU B 208 -21.68 -5.32 3.35
C GLU B 208 -21.00 -3.98 3.55
N LEU B 209 -21.61 -2.86 3.17
CA LEU B 209 -20.95 -1.57 3.35
C LEU B 209 -20.62 -1.33 4.81
N ARG B 210 -19.45 -0.75 5.06
CA ARG B 210 -18.99 -0.42 6.40
C ARG B 210 -18.64 1.06 6.57
N VAL B 211 -18.01 1.66 5.57
CA VAL B 211 -17.63 3.07 5.64
C VAL B 211 -17.78 3.70 4.27
N VAL B 212 -18.05 5.00 4.27
CA VAL B 212 -18.18 5.79 3.05
C VAL B 212 -17.25 6.98 3.18
N LEU B 213 -16.78 7.49 2.05
CA LEU B 213 -15.85 8.62 2.01
C LEU B 213 -16.58 9.77 1.30
N VAL B 214 -17.35 10.53 2.06
CA VAL B 214 -18.27 11.52 1.49
C VAL B 214 -17.46 12.79 1.24
N PHE B 215 -16.86 12.87 0.05
CA PHE B 215 -16.20 14.08 -0.41
C PHE B 215 -17.14 14.81 -1.37
N GLY B 216 -17.51 16.04 -1.03
CA GLY B 216 -18.45 16.83 -1.80
C GLY B 216 -17.77 18.05 -2.40
N TYR B 217 -17.92 18.22 -3.70
CA TYR B 217 -17.31 19.32 -4.43
C TYR B 217 -18.39 20.31 -4.87
N ASN B 218 -18.14 21.59 -4.62
CA ASN B 218 -19.06 22.66 -4.99
C ASN B 218 -20.51 22.31 -4.64
N TYR B 227 -27.80 18.12 -2.10
CA TYR B 227 -27.37 16.87 -2.71
C TYR B 227 -26.58 16.02 -1.72
N LEU B 228 -25.59 16.65 -1.09
CA LEU B 228 -24.80 15.94 -0.07
C LEU B 228 -25.73 15.39 1.02
N GLN B 229 -26.79 16.12 1.33
CA GLN B 229 -27.72 15.70 2.38
C GLN B 229 -28.44 14.40 2.00
N GLN B 230 -29.17 14.42 0.88
CA GLN B 230 -29.99 13.27 0.52
C GLN B 230 -29.14 12.03 0.27
N VAL B 231 -28.03 12.17 -0.46
CA VAL B 231 -27.15 11.03 -0.66
C VAL B 231 -26.70 10.48 0.69
N VAL B 232 -26.26 11.36 1.58
CA VAL B 232 -25.90 10.94 2.93
C VAL B 232 -27.08 10.26 3.59
N SER B 233 -28.28 10.83 3.44
CA SER B 233 -29.46 10.25 4.06
C SER B 233 -29.79 8.89 3.47
N THR B 234 -29.50 8.69 2.19
CA THR B 234 -29.85 7.43 1.54
C THR B 234 -29.26 6.24 2.30
N PHE B 235 -28.11 6.43 2.96
CA PHE B 235 -27.46 5.38 3.71
C PHE B 235 -27.17 5.74 5.15
N SER B 236 -27.50 6.96 5.59
CA SER B 236 -27.21 7.36 6.97
C SER B 236 -27.85 6.42 7.97
N ASP B 237 -29.12 6.08 7.77
CA ASP B 237 -29.85 5.22 8.70
C ASP B 237 -29.37 3.78 8.54
N MET B 238 -28.10 3.58 8.92
CA MET B 238 -27.46 2.29 8.78
C MET B 238 -26.39 2.16 9.86
N ASN B 239 -25.96 0.92 10.10
CA ASN B 239 -24.93 0.64 11.10
C ASN B 239 -23.55 0.62 10.41
N ILE B 240 -23.14 1.82 10.00
CA ILE B 240 -21.90 2.02 9.29
C ILE B 240 -21.12 3.15 9.98
N ILE B 241 -19.99 3.52 9.37
CA ILE B 241 -19.22 4.67 9.80
C ILE B 241 -19.12 5.62 8.61
N LEU B 242 -19.48 6.88 8.81
CA LEU B 242 -19.58 7.84 7.72
C LEU B 242 -18.37 8.77 7.74
N ALA B 243 -17.48 8.60 6.77
CA ALA B 243 -16.32 9.46 6.59
C ALA B 243 -16.53 10.34 5.36
N GLY B 244 -16.15 11.61 5.48
CA GLY B 244 -16.28 12.50 4.34
C GLY B 244 -16.19 13.94 4.77
N GLY B 245 -16.24 14.81 3.76
CA GLY B 245 -16.17 16.23 3.98
C GLY B 245 -16.61 17.00 2.76
N GLN B 246 -16.12 18.24 2.66
CA GLN B 246 -16.43 19.12 1.54
C GLN B 246 -15.14 19.51 0.83
N VAL B 247 -15.11 19.31 -0.48
CA VAL B 247 -13.94 19.61 -1.29
C VAL B 247 -14.29 20.69 -2.31
N ASP B 248 -13.33 21.07 -3.15
CA ASP B 248 -13.54 22.09 -4.15
C ASP B 248 -13.82 21.51 -5.54
N ASN B 249 -12.99 20.58 -6.00
CA ASN B 249 -13.16 20.01 -7.34
C ASN B 249 -12.54 18.62 -7.38
N LEU B 250 -13.11 17.78 -8.24
CA LEU B 250 -12.61 16.43 -8.48
C LEU B 250 -11.67 16.43 -9.67
N SER B 251 -10.85 15.39 -9.75
CA SER B 251 -9.86 15.29 -10.83
C SER B 251 -9.77 13.92 -11.47
N SER B 252 -10.44 12.88 -10.95
CA SER B 252 -10.38 11.60 -11.63
C SER B 252 -11.44 10.60 -11.18
N LEU B 253 -12.19 10.08 -12.14
CA LEU B 253 -12.97 8.85 -11.98
C LEU B 253 -13.52 8.41 -13.33
N THR B 254 -13.34 7.14 -13.67
CA THR B 254 -13.85 6.61 -14.93
C THR B 254 -15.33 6.30 -14.81
N GLY B 266 -21.98 17.17 -7.11
CA GLY B 266 -22.12 15.77 -6.77
C GLY B 266 -21.37 15.41 -5.50
N VAL B 267 -21.06 14.13 -5.34
CA VAL B 267 -20.29 13.66 -4.20
C VAL B 267 -19.62 12.36 -4.57
N VAL B 268 -18.37 12.19 -4.14
CA VAL B 268 -17.56 11.03 -4.50
C VAL B 268 -17.07 10.38 -3.21
N GLY B 269 -17.11 9.05 -3.19
CA GLY B 269 -16.68 8.28 -2.04
C GLY B 269 -16.47 6.84 -2.39
N LEU B 270 -16.09 6.06 -1.38
CA LEU B 270 -15.75 4.66 -1.54
C LEU B 270 -16.64 3.82 -0.65
N SER B 271 -17.33 2.84 -1.25
CA SER B 271 -18.25 1.98 -0.51
C SER B 271 -17.48 0.80 0.08
N PHE B 272 -16.70 1.11 1.12
CA PHE B 272 -15.92 0.09 1.80
C PHE B 272 -16.83 -1.04 2.25
N SER B 273 -16.62 -2.23 1.70
CA SER B 273 -17.48 -3.38 1.96
C SER B 273 -16.65 -4.54 2.45
N GLY B 274 -16.98 -5.06 3.63
CA GLY B 274 -16.31 -6.22 4.16
C GLY B 274 -16.51 -6.43 5.64
N HIS B 275 -16.74 -7.68 6.05
CA HIS B 275 -16.88 -7.99 7.47
C HIS B 275 -15.54 -7.88 8.18
N ARG B 276 -14.45 -8.25 7.51
CA ARG B 276 -13.13 -8.11 8.11
C ARG B 276 -12.77 -6.66 8.36
N ILE B 277 -13.49 -5.73 7.75
CA ILE B 277 -13.20 -4.31 7.94
C ILE B 277 -13.69 -3.88 9.31
N GLN B 278 -12.81 -3.23 10.07
CA GLN B 278 -13.16 -2.64 11.35
C GLN B 278 -12.64 -1.21 11.36
N SER B 279 -13.30 -0.35 12.11
CA SER B 279 -12.93 1.06 12.11
C SER B 279 -13.72 1.77 13.20
N ALA B 280 -13.49 3.08 13.30
CA ALA B 280 -14.19 3.93 14.24
C ALA B 280 -13.84 5.36 13.88
N THR B 281 -14.50 6.30 14.57
CA THR B 281 -14.35 7.70 14.28
C THR B 281 -14.54 8.48 15.57
N VAL B 282 -14.08 9.73 15.56
CA VAL B 282 -14.30 10.65 16.66
C VAL B 282 -14.46 12.05 16.09
N LEU B 283 -15.17 12.89 16.84
CA LEU B 283 -15.45 14.27 16.43
C LEU B 283 -14.64 15.20 17.33
N LEU B 284 -13.51 15.68 16.79
CA LEU B 284 -12.65 16.62 17.50
C LEU B 284 -13.19 18.03 17.26
N ASN B 285 -14.21 18.39 18.03
CA ASN B 285 -14.89 19.67 17.87
C ASN B 285 -14.07 20.78 18.52
N GLU B 286 -14.67 21.96 18.67
CA GLU B 286 -13.96 23.10 19.25
C GLU B 286 -13.39 22.76 20.62
N ASP B 287 -14.08 21.90 21.39
CA ASP B 287 -13.55 21.50 22.67
C ASP B 287 -12.16 20.90 22.54
N VAL B 288 -11.86 20.28 21.40
CA VAL B 288 -10.51 19.82 21.10
C VAL B 288 -9.80 20.98 20.42
N SER B 289 -9.10 21.79 21.22
CA SER B 289 -8.39 22.95 20.71
C SER B 289 -7.02 23.11 21.34
N ASP B 290 -6.53 22.11 22.07
CA ASP B 290 -5.23 22.19 22.73
C ASP B 290 -4.66 20.80 22.88
N GLU B 291 -3.40 20.74 23.33
CA GLU B 291 -2.73 19.45 23.48
C GLU B 291 -3.48 18.55 24.46
N LYS B 292 -3.92 19.10 25.59
CA LYS B 292 -4.64 18.30 26.56
C LYS B 292 -5.91 17.72 25.96
N THR B 293 -6.75 18.58 25.38
CA THR B 293 -8.01 18.12 24.81
C THR B 293 -7.78 17.21 23.61
N ALA B 294 -6.81 17.55 22.76
CA ALA B 294 -6.55 16.72 21.59
C ALA B 294 -6.09 15.34 22.00
N GLU B 295 -5.18 15.27 22.96
CA GLU B 295 -4.69 13.97 23.42
C GLU B 295 -5.77 13.19 24.15
N ALA B 296 -6.64 13.87 24.90
CA ALA B 296 -7.76 13.18 25.52
C ALA B 296 -8.70 12.61 24.48
N ALA B 297 -8.99 13.38 23.43
CA ALA B 297 -9.86 12.90 22.37
C ALA B 297 -9.25 11.71 21.67
N MET B 298 -7.93 11.74 21.41
CA MET B 298 -7.33 10.59 20.74
C MET B 298 -7.20 9.39 21.67
N GLN B 299 -7.08 9.61 22.98
CA GLN B 299 -7.16 8.48 23.89
C GLN B 299 -8.54 7.85 23.84
N ARG B 300 -9.59 8.68 23.77
CA ARG B 300 -10.93 8.16 23.59
C ARG B 300 -11.03 7.37 22.30
N LEU B 301 -10.46 7.89 21.22
CA LEU B 301 -10.48 7.17 19.95
C LEU B 301 -9.76 5.84 20.06
N LYS B 302 -8.58 5.84 20.70
CA LYS B 302 -7.81 4.62 20.85
C LYS B 302 -8.55 3.61 21.72
N ALA B 303 -9.40 4.09 22.63
CA ALA B 303 -10.14 3.18 23.50
C ALA B 303 -10.95 2.17 22.68
N ALA B 304 -11.32 2.53 21.46
CA ALA B 304 -11.99 1.59 20.58
C ALA B 304 -11.14 0.36 20.32
N ASN B 305 -9.82 0.46 20.46
CA ASN B 305 -8.94 -0.69 20.31
C ASN B 305 -8.92 -1.19 18.86
N ILE B 306 -8.76 -0.25 17.93
CA ILE B 306 -8.66 -0.59 16.51
C ILE B 306 -7.28 -1.19 16.25
N PRO B 307 -7.18 -2.33 15.56
CA PRO B 307 -5.86 -2.84 15.20
C PRO B 307 -5.12 -1.89 14.28
N GLU B 308 -3.79 -1.91 14.38
CA GLU B 308 -2.93 -1.07 13.54
C GLU B 308 -2.42 -1.81 12.31
N HIS B 309 -2.87 -3.04 12.09
CA HIS B 309 -2.38 -3.90 11.02
C HIS B 309 -3.36 -3.85 9.84
N ASN B 310 -2.83 -3.63 8.64
CA ASN B 310 -3.64 -3.46 7.44
C ASN B 310 -4.70 -2.37 7.67
N THR B 311 -4.22 -1.17 7.94
CA THR B 311 -5.07 -0.11 8.44
C THR B 311 -4.57 1.23 7.93
N ILE B 312 -5.49 2.18 7.82
CA ILE B 312 -5.21 3.52 7.35
C ILE B 312 -5.76 4.50 8.36
N GLY B 313 -5.19 5.71 8.40
CA GLY B 313 -5.69 6.76 9.25
C GLY B 313 -6.18 7.95 8.45
N PHE B 314 -7.46 8.27 8.57
CA PHE B 314 -8.08 9.34 7.80
C PHE B 314 -8.43 10.50 8.72
N MET B 315 -7.93 11.68 8.38
CA MET B 315 -8.16 12.90 9.16
C MET B 315 -8.94 13.89 8.30
N PHE B 316 -10.11 14.29 8.79
CA PHE B 316 -10.92 15.33 8.15
C PHE B 316 -11.10 16.47 9.14
N ALA B 317 -10.88 17.69 8.68
CA ALA B 317 -10.96 18.86 9.55
C ALA B 317 -11.52 20.04 8.78
N CYS B 318 -12.08 20.98 9.52
CA CYS B 318 -12.49 22.24 8.93
C CYS B 318 -11.27 22.98 8.40
N VAL B 319 -11.44 23.68 7.28
CA VAL B 319 -10.32 24.40 6.68
C VAL B 319 -9.71 25.36 7.68
N GLY B 320 -10.52 25.93 8.57
CA GLY B 320 -9.99 26.77 9.62
C GLY B 320 -9.15 26.00 10.61
N ARG B 321 -9.53 24.76 10.91
CA ARG B 321 -8.77 23.96 11.87
C ARG B 321 -7.36 23.71 11.36
N GLY B 322 -6.38 23.85 12.25
CA GLY B 322 -4.99 23.69 11.88
C GLY B 322 -4.07 24.64 12.59
N PHE B 323 -2.98 25.04 11.91
CA PHE B 323 -1.96 25.86 12.55
C PHE B 323 -2.55 27.13 13.13
N GLN B 324 -3.28 27.90 12.31
CA GLN B 324 -3.87 29.14 12.80
C GLN B 324 -4.88 28.87 13.90
N TYR B 325 -5.72 27.86 13.73
CA TYR B 325 -6.73 27.53 14.73
C TYR B 325 -6.10 27.00 16.01
N TYR B 326 -4.85 26.57 15.98
CA TYR B 326 -4.17 25.98 17.13
C TYR B 326 -3.11 26.92 17.69
N ARG B 327 -3.39 28.21 17.69
CA ARG B 327 -2.53 29.22 18.32
C ARG B 327 -1.09 29.10 17.82
N ALA B 328 -0.93 29.31 16.52
CA ALA B 328 0.39 29.33 15.89
C ALA B 328 1.15 28.04 16.14
N LYS B 329 0.46 26.91 16.02
CA LYS B 329 1.11 25.60 16.15
C LYS B 329 0.21 24.58 15.48
N GLY B 330 0.67 24.01 14.36
CA GLY B 330 -0.11 23.02 13.63
C GLY B 330 0.35 21.61 13.93
N ASN B 331 -0.44 20.65 13.44
CA ASN B 331 -0.21 19.22 13.56
C ASN B 331 -0.52 18.69 14.95
N VAL B 332 -1.18 19.47 15.81
CA VAL B 332 -1.47 19.01 17.16
C VAL B 332 -2.30 17.73 17.13
N GLU B 333 -3.39 17.75 16.36
CA GLU B 333 -4.21 16.54 16.23
C GLU B 333 -3.40 15.41 15.63
N ALA B 334 -2.63 15.70 14.59
CA ALA B 334 -1.77 14.69 14.00
C ALA B 334 -0.66 14.27 14.96
N ASP B 335 -0.16 15.21 15.79
CA ASP B 335 0.86 14.84 16.77
C ASP B 335 0.32 13.82 17.74
N ALA B 336 -0.88 14.06 18.28
CA ALA B 336 -1.51 13.08 19.17
C ALA B 336 -1.79 11.79 18.42
N PHE B 337 -2.21 11.90 17.15
CA PHE B 337 -2.46 10.73 16.33
C PHE B 337 -1.24 9.83 16.28
N ARG B 338 -0.09 10.40 15.92
CA ARG B 338 1.13 9.61 15.83
C ARG B 338 1.55 9.09 17.20
N LYS B 339 1.41 9.91 18.24
CA LYS B 339 1.81 9.47 19.58
C LYS B 339 1.02 8.25 20.02
N PHE B 340 -0.29 8.24 19.77
CA PHE B 340 -1.14 7.12 20.17
C PHE B 340 -1.24 6.05 19.10
N PHE B 341 -0.97 6.39 17.84
CA PHE B 341 -0.97 5.45 16.73
C PHE B 341 0.38 5.59 16.02
N PRO B 342 1.44 5.01 16.58
CA PRO B 342 2.77 5.24 16.02
C PRO B 342 2.91 4.82 14.56
N SER B 343 2.23 3.77 14.14
CA SER B 343 2.44 3.22 12.81
C SER B 343 1.42 3.66 11.77
N VAL B 344 0.19 3.98 12.19
CA VAL B 344 -0.87 4.25 11.23
C VAL B 344 -0.50 5.49 10.41
N PRO B 345 -0.85 5.56 9.13
CA PRO B 345 -0.64 6.80 8.37
C PRO B 345 -1.84 7.72 8.41
N LEU B 346 -1.57 9.01 8.23
CA LEU B 346 -2.59 10.05 8.31
C LEU B 346 -2.98 10.51 6.92
N PHE B 347 -4.29 10.56 6.66
CA PHE B 347 -4.81 10.91 5.35
C PHE B 347 -6.08 11.74 5.56
N GLY B 348 -6.87 11.89 4.50
CA GLY B 348 -8.05 12.73 4.54
C GLY B 348 -7.77 14.07 3.91
N PHE B 349 -8.29 15.16 4.48
CA PHE B 349 -8.00 16.50 3.98
C PHE B 349 -8.65 17.52 4.90
N PHE B 350 -8.36 18.80 4.65
CA PHE B 350 -9.02 19.91 5.31
C PHE B 350 -10.09 20.44 4.37
N GLY B 351 -11.35 20.44 4.83
CA GLY B 351 -12.45 20.84 4.01
C GLY B 351 -13.35 21.83 4.74
N ASN B 352 -14.12 22.57 3.94
CA ASN B 352 -15.08 23.52 4.50
C ASN B 352 -16.19 22.83 5.29
N GLY B 353 -16.33 21.51 5.14
CA GLY B 353 -17.35 20.78 5.87
C GLY B 353 -16.84 19.42 6.28
N GLU B 354 -17.47 18.88 7.31
CA GLU B 354 -17.07 17.62 7.92
C GLU B 354 -18.28 16.72 8.06
N ILE B 355 -18.12 15.44 7.70
CA ILE B 355 -19.20 14.47 7.68
C ILE B 355 -18.77 13.26 8.49
N GLY B 356 -19.50 12.97 9.57
CA GLY B 356 -19.18 11.84 10.42
C GLY B 356 -19.67 12.00 11.84
N CYS B 357 -20.07 10.89 12.46
CA CYS B 357 -20.42 10.82 13.86
C CYS B 357 -19.58 9.75 14.53
N ASP B 358 -19.02 10.09 15.69
CA ASP B 358 -18.16 9.15 16.42
C ASP B 358 -18.87 7.82 16.61
N ARG B 359 -18.38 6.77 15.97
CA ARG B 359 -19.03 5.47 16.01
C ARG B 359 -17.95 4.40 16.01
N ILE B 360 -18.34 3.20 16.44
CA ILE B 360 -17.43 2.05 16.48
C ILE B 360 -18.17 0.83 15.96
N VAL B 361 -17.52 0.08 15.07
CA VAL B 361 -18.10 -1.13 14.50
C VAL B 361 -17.01 -2.19 14.40
N THR B 362 -17.34 -3.42 14.82
CA THR B 362 -16.40 -4.54 14.75
C THR B 362 -17.21 -5.80 14.50
N GLY B 363 -17.17 -6.29 13.26
CA GLY B 363 -17.89 -7.51 12.92
C GLY B 363 -19.37 -7.40 13.23
N ASN B 364 -19.81 -8.12 14.27
CA ASN B 364 -21.20 -8.04 14.71
C ASN B 364 -21.25 -7.83 16.22
N ASP B 376 -29.03 14.71 9.55
CA ASP B 376 -28.64 16.01 10.07
C ASP B 376 -27.62 15.87 11.19
N ASP B 377 -27.73 14.77 11.95
CA ASP B 377 -26.76 14.50 12.99
C ASP B 377 -25.36 14.38 12.42
N LEU B 378 -25.24 13.91 11.17
CA LEU B 378 -23.97 13.75 10.51
C LEU B 378 -23.51 15.03 9.82
N PHE B 379 -24.29 16.09 9.85
CA PHE B 379 -23.94 17.36 9.23
C PHE B 379 -23.48 18.34 10.30
N HIS B 380 -22.29 18.90 10.10
CA HIS B 380 -21.70 19.82 11.07
C HIS B 380 -20.50 20.50 10.41
N SER B 381 -20.05 21.58 11.04
CA SER B 381 -18.95 22.38 10.52
C SER B 381 -18.04 22.81 11.66
N TYR B 382 -16.87 23.33 11.30
CA TYR B 382 -15.90 23.80 12.27
C TYR B 382 -15.57 22.73 13.30
N THR B 383 -15.44 21.49 12.83
CA THR B 383 -15.08 20.36 13.67
C THR B 383 -14.11 19.48 12.89
N THR B 384 -13.76 18.34 13.47
CA THR B 384 -12.80 17.41 12.90
C THR B 384 -13.39 16.01 12.93
N ILE B 385 -12.98 15.17 11.98
CA ILE B 385 -13.43 13.78 11.90
C ILE B 385 -12.18 12.91 11.86
N MET B 386 -11.73 12.46 13.03
CA MET B 386 -10.65 11.48 13.10
C MET B 386 -11.21 10.13 12.68
N ALA B 387 -10.93 9.74 11.44
CA ALA B 387 -11.46 8.52 10.87
C ALA B 387 -10.32 7.53 10.64
N LEU B 388 -10.45 6.34 11.21
CA LEU B 388 -9.47 5.27 11.06
C LEU B 388 -10.13 4.12 10.33
N ILE B 389 -9.47 3.61 9.29
CA ILE B 389 -9.98 2.50 8.50
C ILE B 389 -8.99 1.35 8.64
N HIS B 390 -9.48 0.20 9.13
CA HIS B 390 -8.67 -1.01 9.27
C HIS B 390 -9.26 -2.10 8.38
N LEU B 391 -8.40 -2.74 7.60
CA LEU B 391 -8.84 -3.62 6.52
C LEU B 391 -8.92 -5.09 6.90
N GLY B 392 -8.57 -5.45 8.13
CA GLY B 392 -8.57 -6.84 8.52
C GLY B 392 -7.29 -7.56 8.14
N SER B 393 -7.20 -8.81 8.59
CA SER B 393 -6.00 -9.62 8.43
C SER B 393 -6.22 -10.71 7.40
N SER B 394 -5.20 -10.96 6.59
CA SER B 394 -5.26 -12.03 5.59
C SER B 394 -5.16 -13.39 6.28
N LYS B 395 -5.13 -14.44 5.46
CA LYS B 395 -5.06 -15.80 5.96
C LYS B 395 -4.05 -16.62 5.17
#